data_6GC9
#
_entry.id   6GC9
#
_cell.length_a   64.955
_cell.length_b   64.955
_cell.length_c   316.424
_cell.angle_alpha   90.00
_cell.angle_beta   90.00
_cell.angle_gamma   90.00
#
_symmetry.space_group_name_H-M   'P 43 21 2'
#
loop_
_entity.id
_entity.type
_entity.pdbx_description
1 polymer 'Glutathione transferase Xi 1 from Trametes versicolor'
2 water water
#
_entity_poly.entity_id   1
_entity_poly.type   'polypeptide(L)'
_entity_poly.pdbx_seq_one_letter_code
;MSSTTRDVSHLSDISKSISEPDGSFNRKPSVFRNFVEKGGAFAPEKGRYHLYVSYACPWATRTLIVRKIKGLEEFIDVSV
VSPRMGAHGWPFANVDAFPGADADPLFGAEHVKDLYMRVNPDYEGRFTVPILWDKKTSAIVNNESSEIIRMFNTAFNDQL
PSDKAAIDLYPEALRGEIDGINEWVYDTVNNGVYKSGFATSQKAYEAAVVPLFESLDRLEKILTGKDYLVGDQLTEADIR
LFVTIVRFDPVYVGHFKCNIRTIRDGYPAIDLWMRKLYWNNSAFSSTCNFEHIKTHYYWSHPQINPHRVVPVGPIPNILP
LHHHHHH
;
_entity_poly.pdbx_strand_id   A,B
#
# COMPACT_ATOMS: atom_id res chain seq x y z
N SER A 24 6.01 16.17 9.08
CA SER A 24 7.15 16.67 8.31
C SER A 24 8.41 15.90 8.65
N PHE A 25 9.20 15.57 7.62
CA PHE A 25 10.42 14.79 7.78
C PHE A 25 11.61 15.62 7.31
N ASN A 26 12.60 15.80 8.18
CA ASN A 26 13.80 16.56 7.86
C ASN A 26 15.01 15.66 8.06
N ARG A 27 15.62 15.24 6.95
CA ARG A 27 16.81 14.39 7.02
C ARG A 27 17.97 15.16 7.65
N LYS A 28 18.92 14.41 8.22
CA LYS A 28 20.07 15.01 8.86
C LYS A 28 21.33 14.74 8.05
N PRO A 29 22.13 15.77 7.76
CA PRO A 29 23.30 15.58 6.90
C PRO A 29 24.39 14.74 7.55
N SER A 30 25.25 14.18 6.69
CA SER A 30 26.32 13.27 7.10
C SER A 30 27.51 14.07 7.65
N VAL A 31 28.20 13.46 8.63
CA VAL A 31 29.29 14.13 9.33
C VAL A 31 30.68 13.81 8.77
N PHE A 32 30.84 12.64 8.14
CA PHE A 32 32.15 12.19 7.67
C PHE A 32 32.22 12.35 6.15
N ARG A 33 33.05 13.29 5.70
CA ARG A 33 33.09 13.68 4.28
C ARG A 33 34.53 13.84 3.79
N ASN A 34 35.36 12.81 4.00
CA ASN A 34 36.71 12.80 3.46
C ASN A 34 36.77 11.88 2.23
N PHE A 35 37.73 12.15 1.36
CA PHE A 35 37.80 11.49 0.06
C PHE A 35 39.05 10.64 -0.08
N VAL A 36 38.92 9.56 -0.85
CA VAL A 36 40.02 8.69 -1.21
C VAL A 36 40.57 9.23 -2.54
N GLU A 37 41.65 10.00 -2.46
CA GLU A 37 42.20 10.63 -3.67
C GLU A 37 43.71 10.46 -3.78
N LYS A 38 44.38 11.50 -4.29
CA LYS A 38 45.83 11.51 -4.48
C LYS A 38 46.59 11.42 -3.17
N GLY A 39 47.82 11.93 -3.15
CA GLY A 39 48.65 11.90 -1.96
C GLY A 39 48.01 12.50 -0.74
N GLY A 40 46.97 11.84 -0.23
CA GLY A 40 46.26 12.29 0.94
C GLY A 40 46.21 11.20 2.00
N ALA A 41 45.61 11.56 3.14
CA ALA A 41 45.49 10.61 4.25
C ALA A 41 44.77 9.35 3.85
N PHE A 42 43.81 9.45 2.93
CA PHE A 42 43.07 8.29 2.42
C PHE A 42 43.42 8.14 0.93
N ALA A 43 44.42 7.28 0.65
CA ALA A 43 44.92 6.96 -0.68
C ALA A 43 44.30 5.65 -1.18
N PRO A 44 44.10 5.51 -2.50
CA PRO A 44 43.49 4.29 -3.04
C PRO A 44 44.44 3.11 -2.97
N GLU A 45 44.46 2.41 -1.84
CA GLU A 45 45.33 1.26 -1.67
C GLU A 45 44.49 -0.01 -1.62
N LYS A 46 44.98 -1.05 -2.28
CA LYS A 46 44.24 -2.30 -2.39
C LYS A 46 44.07 -2.94 -1.02
N GLY A 47 42.85 -3.34 -0.71
CA GLY A 47 42.56 -3.96 0.57
C GLY A 47 42.73 -3.06 1.79
N ARG A 48 42.44 -1.78 1.66
CA ARG A 48 42.54 -0.84 2.78
C ARG A 48 41.19 -0.37 3.31
N TYR A 49 40.12 -0.50 2.53
CA TYR A 49 38.85 0.09 2.88
C TYR A 49 37.76 -0.98 2.98
N HIS A 50 36.86 -0.80 3.95
CA HIS A 50 35.77 -1.71 4.21
C HIS A 50 34.46 -0.96 4.08
N LEU A 51 33.50 -1.55 3.38
CA LEU A 51 32.21 -0.92 3.09
C LEU A 51 31.13 -1.65 3.88
N TYR A 52 30.54 -0.96 4.85
CA TYR A 52 29.40 -1.48 5.60
C TYR A 52 28.12 -0.98 4.93
N VAL A 53 27.27 -1.91 4.50
CA VAL A 53 26.05 -1.59 3.77
C VAL A 53 24.90 -2.46 4.29
N SER A 54 23.72 -2.21 3.74
CA SER A 54 22.57 -3.08 3.86
C SER A 54 21.94 -3.19 2.48
N TYR A 55 21.45 -4.38 2.14
CA TYR A 55 20.84 -4.56 0.82
C TYR A 55 19.54 -3.78 0.67
N ALA A 56 18.97 -3.31 1.77
CA ALA A 56 17.70 -2.60 1.73
C ALA A 56 17.86 -1.10 1.57
N CYS A 57 18.92 -0.53 2.15
CA CYS A 57 19.14 0.91 2.06
C CYS A 57 19.45 1.32 0.63
N PRO A 58 18.66 2.21 0.03
CA PRO A 58 18.94 2.59 -1.38
C PRO A 58 20.21 3.40 -1.51
N TRP A 59 20.59 4.15 -0.47
CA TRP A 59 21.83 4.91 -0.52
C TRP A 59 23.03 3.98 -0.41
N ALA A 60 22.92 2.90 0.36
CA ALA A 60 23.96 1.88 0.39
C ALA A 60 24.02 1.13 -0.94
N THR A 61 22.86 0.83 -1.54
CA THR A 61 22.83 0.12 -2.81
C THR A 61 23.51 0.92 -3.90
N ARG A 62 23.54 2.25 -3.78
CA ARG A 62 24.34 3.07 -4.67
C ARG A 62 25.79 2.58 -4.69
N THR A 63 26.42 2.58 -3.51
CA THR A 63 27.81 2.15 -3.37
C THR A 63 28.04 0.79 -4.02
N LEU A 64 27.14 -0.16 -3.78
CA LEU A 64 27.34 -1.51 -4.29
C LEU A 64 27.24 -1.55 -5.82
N ILE A 65 26.30 -0.79 -6.39
CA ILE A 65 26.16 -0.76 -7.85
C ILE A 65 27.43 -0.22 -8.49
N VAL A 66 27.92 0.92 -8.00
CA VAL A 66 29.13 1.52 -8.55
C VAL A 66 30.36 0.65 -8.25
N ARG A 67 30.35 -0.07 -7.13
CA ARG A 67 31.49 -0.92 -6.78
C ARG A 67 31.67 -2.08 -7.75
N LYS A 68 30.60 -2.52 -8.41
CA LYS A 68 30.69 -3.62 -9.35
C LYS A 68 30.77 -3.15 -10.80
N ILE A 69 30.28 -1.96 -11.12
CA ILE A 69 30.46 -1.43 -12.47
C ILE A 69 31.94 -1.16 -12.74
N LYS A 70 32.66 -0.65 -11.75
CA LYS A 70 34.07 -0.33 -11.90
C LYS A 70 34.98 -1.42 -11.36
N GLY A 71 34.43 -2.55 -10.92
CA GLY A 71 35.22 -3.69 -10.52
C GLY A 71 36.19 -3.47 -9.36
N LEU A 72 35.67 -3.26 -8.16
CA LEU A 72 36.49 -3.02 -6.99
C LEU A 72 36.31 -4.08 -5.91
N GLU A 73 35.83 -5.27 -6.28
CA GLU A 73 35.59 -6.32 -5.29
C GLU A 73 36.87 -6.90 -4.69
N GLU A 74 38.04 -6.44 -5.12
CA GLU A 74 39.31 -6.88 -4.55
C GLU A 74 40.07 -5.70 -3.95
N PHE A 75 39.42 -4.54 -3.87
CA PHE A 75 39.99 -3.36 -3.23
C PHE A 75 39.19 -2.92 -2.03
N ILE A 76 37.89 -3.22 -1.99
CA ILE A 76 36.99 -2.85 -0.91
C ILE A 76 36.06 -4.03 -0.68
N ASP A 77 36.09 -4.60 0.52
CA ASP A 77 35.17 -5.67 0.86
C ASP A 77 33.89 -5.08 1.45
N VAL A 78 32.87 -5.93 1.59
CA VAL A 78 31.52 -5.47 1.93
C VAL A 78 30.94 -6.36 3.01
N SER A 79 30.51 -5.76 4.11
CA SER A 79 29.76 -6.44 5.15
C SER A 79 28.28 -6.07 5.01
N VAL A 80 27.43 -7.07 4.89
CA VAL A 80 26.00 -6.87 4.67
C VAL A 80 25.28 -6.94 6.01
N VAL A 81 24.66 -5.83 6.38
CA VAL A 81 23.95 -5.74 7.65
C VAL A 81 22.58 -6.40 7.53
N SER A 82 22.08 -6.89 8.66
CA SER A 82 20.74 -7.49 8.68
C SER A 82 19.69 -6.43 8.34
N PRO A 83 18.68 -6.78 7.54
CA PRO A 83 17.67 -5.78 7.17
C PRO A 83 16.72 -5.44 8.30
N ARG A 84 16.54 -6.31 9.28
CA ARG A 84 15.62 -6.08 10.38
C ARG A 84 16.25 -5.09 11.36
N MET A 85 16.22 -3.82 10.97
CA MET A 85 16.60 -2.73 11.85
C MET A 85 15.58 -2.60 12.99
N GLY A 86 16.04 -2.07 14.12
CA GLY A 86 15.15 -1.87 15.24
C GLY A 86 15.83 -1.67 16.57
N ALA A 87 15.23 -0.83 17.42
CA ALA A 87 15.75 -0.54 18.75
C ALA A 87 17.16 0.00 18.72
N HIS A 88 18.14 -0.86 18.42
CA HIS A 88 19.54 -0.50 18.44
C HIS A 88 20.08 -0.18 17.05
N GLY A 89 19.20 0.11 16.08
CA GLY A 89 19.64 0.41 14.74
C GLY A 89 19.98 -0.84 13.95
N TRP A 90 20.82 -0.65 12.94
CA TRP A 90 21.21 -1.75 12.06
C TRP A 90 22.00 -2.81 12.83
N PRO A 91 21.52 -4.06 12.89
CA PRO A 91 22.30 -5.10 13.59
C PRO A 91 23.11 -5.97 12.64
N PHE A 92 24.13 -6.66 13.15
CA PHE A 92 24.91 -7.57 12.33
C PHE A 92 24.43 -9.01 12.52
N ALA A 93 24.94 -9.91 11.68
CA ALA A 93 24.41 -11.26 11.63
C ALA A 93 24.59 -12.03 12.94
N ASN A 94 25.46 -11.55 13.83
CA ASN A 94 25.66 -12.26 15.09
C ASN A 94 24.49 -12.04 16.05
N VAL A 95 23.84 -10.88 16.00
CA VAL A 95 22.68 -10.63 16.85
C VAL A 95 21.37 -11.00 16.15
N ASP A 96 21.26 -10.72 14.84
CA ASP A 96 20.08 -11.08 14.06
C ASP A 96 20.55 -11.84 12.82
N ALA A 97 20.31 -13.14 12.78
CA ALA A 97 20.87 -14.01 11.75
C ALA A 97 19.90 -14.14 10.58
N PHE A 98 19.82 -13.07 9.80
CA PHE A 98 19.01 -13.08 8.58
C PHE A 98 19.83 -13.65 7.43
N PRO A 99 19.23 -14.41 6.52
CA PRO A 99 20.01 -14.96 5.39
C PRO A 99 20.57 -13.84 4.52
N GLY A 100 21.83 -14.00 4.14
CA GLY A 100 22.54 -12.99 3.38
C GLY A 100 23.19 -11.91 4.20
N ALA A 101 22.96 -11.88 5.51
CA ALA A 101 23.59 -10.90 6.38
C ALA A 101 24.94 -11.44 6.87
N ASP A 102 25.89 -10.53 7.04
CA ASP A 102 27.23 -10.87 7.47
C ASP A 102 27.50 -10.36 8.87
N ALA A 103 28.38 -11.06 9.58
CA ALA A 103 28.89 -10.56 10.84
C ALA A 103 29.98 -9.52 10.59
N ASP A 104 30.29 -8.74 11.61
CA ASP A 104 31.35 -7.74 11.48
C ASP A 104 32.70 -8.43 11.59
N PRO A 105 33.48 -8.47 10.51
CA PRO A 105 34.75 -9.23 10.56
C PRO A 105 35.91 -8.45 11.15
N LEU A 106 35.81 -7.13 11.28
CA LEU A 106 36.91 -6.32 11.79
C LEU A 106 36.86 -6.12 13.30
N PHE A 107 35.67 -5.89 13.87
CA PHE A 107 35.56 -5.59 15.30
C PHE A 107 34.46 -6.37 16.00
N GLY A 108 33.81 -7.31 15.33
CA GLY A 108 32.76 -8.08 15.98
C GLY A 108 31.61 -7.23 16.46
N ALA A 109 31.35 -6.10 15.82
CA ALA A 109 30.34 -5.16 16.27
C ALA A 109 28.95 -5.78 16.22
N GLU A 110 28.11 -5.42 17.18
CA GLU A 110 26.74 -5.91 17.21
C GLU A 110 25.80 -5.04 16.39
N HIS A 111 26.03 -3.72 16.39
CA HIS A 111 25.22 -2.81 15.61
C HIS A 111 26.11 -1.77 14.96
N VAL A 112 25.58 -1.13 13.90
CA VAL A 112 26.32 -0.08 13.20
C VAL A 112 26.68 1.05 14.15
N LYS A 113 25.87 1.29 15.18
CA LYS A 113 26.19 2.29 16.18
C LYS A 113 27.60 2.12 16.74
N ASP A 114 28.03 0.86 16.89
CA ASP A 114 29.33 0.60 17.52
C ASP A 114 30.49 1.14 16.70
N LEU A 115 30.36 1.15 15.37
CA LEU A 115 31.45 1.65 14.52
C LEU A 115 31.54 3.17 14.57
N TYR A 116 30.43 3.83 14.75
CA TYR A 116 30.49 5.27 14.84
C TYR A 116 31.04 5.59 16.20
N MET A 117 30.55 4.95 17.23
CA MET A 117 31.01 5.25 18.57
C MET A 117 32.44 4.86 18.84
N ARG A 118 32.95 3.94 18.07
CA ARG A 118 34.34 3.52 18.21
C ARG A 118 35.31 4.67 17.98
N VAL A 119 35.11 5.41 16.88
CA VAL A 119 36.05 6.46 16.49
C VAL A 119 35.79 7.74 17.28
N ASN A 120 34.55 7.99 17.66
CA ASN A 120 34.19 9.19 18.40
C ASN A 120 33.18 8.81 19.48
N PRO A 121 33.62 8.72 20.74
CA PRO A 121 32.69 8.33 21.81
C PRO A 121 31.70 9.43 22.18
N ASP A 122 31.91 10.65 21.71
CA ASP A 122 30.96 11.74 21.91
C ASP A 122 30.32 12.14 20.58
N TYR A 123 29.97 11.15 19.77
CA TYR A 123 29.32 11.38 18.48
C TYR A 123 27.82 11.32 18.72
N GLU A 124 27.13 12.45 18.52
CA GLU A 124 25.72 12.56 18.80
C GLU A 124 24.85 12.53 17.55
N GLY A 125 25.42 12.20 16.40
CA GLY A 125 24.66 12.09 15.17
C GLY A 125 23.88 10.80 15.09
N ARG A 126 23.57 10.40 13.87
CA ARG A 126 22.82 9.18 13.61
C ARG A 126 23.73 8.10 13.07
N PHE A 127 23.29 6.86 13.14
CA PHE A 127 24.10 5.74 12.65
C PHE A 127 23.61 5.19 11.32
N THR A 128 23.83 5.97 10.27
CA THR A 128 23.41 5.59 8.93
C THR A 128 24.41 4.70 8.20
N VAL A 129 23.91 4.11 7.12
CA VAL A 129 24.68 3.23 6.24
C VAL A 129 24.48 3.93 4.89
N PRO A 130 25.43 3.88 3.96
CA PRO A 130 26.72 3.18 3.97
C PRO A 130 27.81 3.78 4.85
N ILE A 131 28.83 2.96 5.10
CA ILE A 131 30.02 3.34 5.84
C ILE A 131 31.23 2.92 5.02
N LEU A 132 32.10 3.87 4.69
CA LEU A 132 33.40 3.57 4.12
C LEU A 132 34.43 3.67 5.23
N TRP A 133 35.02 2.53 5.59
CA TRP A 133 35.88 2.42 6.76
C TRP A 133 37.34 2.31 6.31
N ASP A 134 38.21 3.10 6.93
CA ASP A 134 39.64 3.02 6.69
C ASP A 134 40.23 2.06 7.71
N LYS A 135 40.68 0.90 7.24
CA LYS A 135 41.21 -0.11 8.13
C LYS A 135 42.50 0.36 8.79
N LYS A 136 43.33 1.11 8.06
CA LYS A 136 44.64 1.49 8.59
C LYS A 136 44.51 2.49 9.73
N THR A 137 43.61 3.47 9.60
CA THR A 137 43.41 4.46 10.64
C THR A 137 42.43 4.00 11.71
N SER A 138 41.60 3.01 11.41
CA SER A 138 40.49 2.60 12.26
C SER A 138 39.54 3.79 12.49
N ALA A 139 39.08 4.34 11.37
CA ALA A 139 38.20 5.50 11.38
C ALA A 139 37.30 5.44 10.15
N ILE A 140 36.29 6.30 10.14
CA ILE A 140 35.33 6.35 9.04
C ILE A 140 35.81 7.39 8.03
N VAL A 141 36.00 6.96 6.78
CA VAL A 141 36.38 7.89 5.72
C VAL A 141 35.18 8.72 5.28
N ASN A 142 34.07 8.05 5.01
CA ASN A 142 32.92 8.72 4.41
C ASN A 142 31.67 7.92 4.72
N ASN A 143 30.55 8.63 4.86
CA ASN A 143 29.26 8.00 5.01
C ASN A 143 28.20 8.70 4.18
N GLU A 144 28.62 9.47 3.17
CA GLU A 144 27.73 10.16 2.25
C GLU A 144 27.77 9.44 0.89
N SER A 145 26.64 8.84 0.51
CA SER A 145 26.62 8.00 -0.68
C SER A 145 26.90 8.80 -1.96
N SER A 146 26.47 10.06 -2.01
CA SER A 146 26.71 10.86 -3.20
C SER A 146 28.20 10.98 -3.50
N GLU A 147 29.02 11.12 -2.46
CA GLU A 147 30.47 11.26 -2.66
C GLU A 147 31.16 9.91 -2.80
N ILE A 148 30.69 8.88 -2.09
CA ILE A 148 31.34 7.57 -2.15
C ILE A 148 31.30 7.01 -3.56
N ILE A 149 30.15 7.14 -4.24
CA ILE A 149 30.07 6.69 -5.62
C ILE A 149 30.95 7.52 -6.53
N ARG A 150 31.35 8.72 -6.10
CA ARG A 150 32.22 9.57 -6.88
C ARG A 150 33.70 9.32 -6.62
N MET A 151 34.05 8.85 -5.41
CA MET A 151 35.42 8.41 -5.18
C MET A 151 35.68 7.02 -5.75
N PHE A 152 34.65 6.16 -5.78
CA PHE A 152 34.78 4.88 -6.45
C PHE A 152 34.89 5.03 -7.96
N ASN A 153 34.68 6.24 -8.48
CA ASN A 153 34.76 6.55 -9.90
C ASN A 153 36.10 7.14 -10.29
N THR A 154 36.74 7.84 -9.37
CA THR A 154 38.07 8.41 -9.57
C THR A 154 39.08 7.50 -8.89
N ALA A 155 40.05 8.03 -8.13
CA ALA A 155 40.96 7.32 -7.25
C ALA A 155 41.62 6.08 -7.86
N PHE A 156 40.89 4.98 -7.89
CA PHE A 156 41.45 3.67 -8.17
C PHE A 156 41.71 3.40 -9.66
N ASN A 157 41.61 4.40 -10.53
CA ASN A 157 41.69 4.12 -11.96
C ASN A 157 43.08 3.62 -12.36
N ASP A 158 44.12 4.14 -11.72
CA ASP A 158 45.48 3.70 -12.03
C ASP A 158 45.66 2.21 -11.80
N GLN A 159 44.97 1.65 -10.81
CA GLN A 159 45.14 0.25 -10.43
C GLN A 159 44.12 -0.70 -11.04
N LEU A 160 43.16 -0.18 -11.81
CA LEU A 160 42.16 -1.06 -12.41
C LEU A 160 42.53 -1.39 -13.85
N PRO A 161 41.98 -2.48 -14.39
CA PRO A 161 42.18 -2.78 -15.81
C PRO A 161 41.63 -1.66 -16.69
N SER A 162 41.95 -1.75 -17.99
CA SER A 162 41.59 -0.67 -18.91
C SER A 162 40.09 -0.56 -19.06
N ASP A 163 39.39 -1.69 -19.16
CA ASP A 163 37.94 -1.65 -19.35
C ASP A 163 37.24 -1.00 -18.16
N LYS A 164 37.59 -1.42 -16.95
CA LYS A 164 36.94 -0.86 -15.76
C LYS A 164 37.38 0.57 -15.47
N ALA A 165 38.63 0.91 -15.80
CA ALA A 165 39.10 2.27 -15.56
C ALA A 165 38.58 3.26 -16.59
N ALA A 166 38.20 2.78 -17.78
CA ALA A 166 37.64 3.68 -18.78
C ALA A 166 36.28 4.20 -18.38
N ILE A 167 35.52 3.41 -17.61
CA ILE A 167 34.18 3.82 -17.19
C ILE A 167 34.27 5.10 -16.38
N ASP A 168 33.41 6.06 -16.72
CA ASP A 168 33.32 7.33 -16.01
C ASP A 168 31.85 7.69 -15.88
N LEU A 169 31.29 7.53 -14.68
CA LEU A 169 29.91 7.87 -14.40
C LEU A 169 29.72 9.35 -14.12
N TYR A 170 30.66 10.18 -14.52
CA TYR A 170 30.65 11.61 -14.26
C TYR A 170 31.63 12.35 -15.16
N PRO A 171 31.50 12.24 -16.49
CA PRO A 171 32.40 13.00 -17.37
C PRO A 171 32.01 14.47 -17.40
N GLU A 172 33.03 15.32 -17.50
CA GLU A 172 32.84 16.74 -17.20
C GLU A 172 31.99 17.46 -18.25
N ALA A 173 31.83 16.87 -19.43
CA ALA A 173 30.91 17.45 -20.41
C ALA A 173 29.48 17.48 -19.88
N LEU A 174 29.09 16.46 -19.12
CA LEU A 174 27.75 16.35 -18.58
C LEU A 174 27.69 16.60 -17.08
N ARG A 175 28.70 17.26 -16.51
CA ARG A 175 28.69 17.58 -15.10
C ARG A 175 27.78 18.75 -14.76
N GLY A 176 27.04 19.26 -15.74
CA GLY A 176 26.06 20.30 -15.49
C GLY A 176 24.66 19.71 -15.53
N GLU A 177 24.42 18.78 -16.46
CA GLU A 177 23.14 18.10 -16.51
C GLU A 177 22.98 17.14 -15.34
N ILE A 178 24.07 16.53 -14.89
CA ILE A 178 23.96 15.52 -13.84
C ILE A 178 23.64 16.16 -12.50
N ASP A 179 24.40 17.19 -12.12
CA ASP A 179 24.09 17.90 -10.89
C ASP A 179 22.72 18.57 -10.94
N GLY A 180 22.32 19.01 -12.12
CA GLY A 180 20.99 19.56 -12.31
C GLY A 180 19.89 18.56 -12.05
N ILE A 181 19.94 17.42 -12.72
CA ILE A 181 18.91 16.41 -12.53
C ILE A 181 19.04 15.75 -11.15
N ASN A 182 20.27 15.53 -10.69
CA ASN A 182 20.48 14.91 -9.38
C ASN A 182 19.92 15.76 -8.25
N GLU A 183 19.79 17.07 -8.46
CA GLU A 183 19.36 17.95 -7.38
C GLU A 183 17.86 17.85 -7.12
N TRP A 184 17.05 17.85 -8.18
CA TRP A 184 15.61 17.71 -8.00
C TRP A 184 15.15 16.25 -7.97
N VAL A 185 15.94 15.32 -8.51
CA VAL A 185 15.63 13.90 -8.32
C VAL A 185 15.85 13.50 -6.88
N TYR A 186 16.88 14.05 -6.23
CA TYR A 186 17.08 13.73 -4.82
C TYR A 186 15.98 14.33 -3.96
N ASP A 187 15.64 15.59 -4.19
CA ASP A 187 14.74 16.30 -3.29
C ASP A 187 13.31 15.79 -3.40
N THR A 188 12.86 15.52 -4.63
CA THR A 188 11.47 15.14 -4.86
C THR A 188 11.25 13.65 -5.01
N VAL A 189 12.26 12.90 -5.44
CA VAL A 189 12.11 11.46 -5.73
C VAL A 189 12.90 10.61 -4.75
N ASN A 190 14.23 10.74 -4.75
CA ASN A 190 15.07 9.93 -3.85
C ASN A 190 14.68 10.13 -2.40
N ASN A 191 14.52 11.39 -1.98
CA ASN A 191 14.14 11.70 -0.61
C ASN A 191 12.65 12.03 -0.48
N GLY A 192 12.01 12.44 -1.56
CA GLY A 192 10.59 12.73 -1.51
C GLY A 192 9.76 11.53 -1.09
N VAL A 193 10.16 10.33 -1.53
CA VAL A 193 9.47 9.12 -1.11
C VAL A 193 9.56 8.96 0.40
N TYR A 194 10.65 9.43 1.00
CA TYR A 194 10.82 9.28 2.45
C TYR A 194 10.00 10.31 3.22
N LYS A 195 9.93 11.55 2.74
CA LYS A 195 9.07 12.51 3.42
C LYS A 195 7.59 12.26 3.15
N SER A 196 7.25 11.45 2.15
CA SER A 196 5.88 11.01 1.98
C SER A 196 5.51 9.99 3.05
N GLY A 197 6.29 8.93 3.17
CA GLY A 197 5.95 7.85 4.09
C GLY A 197 6.19 8.20 5.55
N PHE A 198 7.22 9.01 5.83
CA PHE A 198 7.57 9.35 7.21
C PHE A 198 6.78 10.55 7.74
N ALA A 199 5.94 11.17 6.91
CA ALA A 199 5.14 12.29 7.35
C ALA A 199 4.16 11.87 8.44
N THR A 200 3.98 12.76 9.43
CA THR A 200 3.06 12.53 10.54
C THR A 200 1.76 13.31 10.41
N SER A 201 1.58 14.06 9.32
CA SER A 201 0.38 14.84 9.11
C SER A 201 -0.08 14.66 7.67
N GLN A 202 -1.36 14.96 7.43
CA GLN A 202 -1.90 14.85 6.07
C GLN A 202 -1.29 15.88 5.14
N LYS A 203 -1.08 17.11 5.61
CA LYS A 203 -0.53 18.15 4.75
C LYS A 203 0.92 17.85 4.37
N ALA A 204 1.75 17.48 5.34
CA ALA A 204 3.13 17.12 5.03
C ALA A 204 3.18 15.93 4.09
N TYR A 205 2.29 14.96 4.28
CA TYR A 205 2.18 13.85 3.35
C TYR A 205 1.84 14.36 1.95
N GLU A 206 0.76 15.14 1.84
CA GLU A 206 0.35 15.66 0.53
C GLU A 206 1.40 16.61 -0.05
N ALA A 207 2.14 17.32 0.82
CA ALA A 207 3.18 18.22 0.34
C ALA A 207 4.33 17.48 -0.31
N ALA A 208 4.45 16.16 -0.08
CA ALA A 208 5.55 15.37 -0.59
C ALA A 208 5.17 14.47 -1.76
N VAL A 209 3.97 13.90 -1.75
CA VAL A 209 3.59 12.96 -2.80
C VAL A 209 3.35 13.69 -4.12
N VAL A 210 2.80 14.90 -4.06
CA VAL A 210 2.44 15.65 -5.26
C VAL A 210 3.71 16.06 -6.03
N PRO A 211 4.73 16.65 -5.38
CA PRO A 211 5.97 16.90 -6.13
C PRO A 211 6.67 15.63 -6.59
N LEU A 212 6.57 14.55 -5.83
CA LEU A 212 7.18 13.29 -6.23
C LEU A 212 6.63 12.80 -7.56
N PHE A 213 5.31 12.68 -7.66
CA PHE A 213 4.71 12.19 -8.89
C PHE A 213 4.80 13.22 -10.01
N GLU A 214 4.88 14.51 -9.65
CA GLU A 214 5.14 15.54 -10.64
C GLU A 214 6.54 15.39 -11.23
N SER A 215 7.53 15.10 -10.37
CA SER A 215 8.87 14.83 -10.87
C SER A 215 8.94 13.49 -11.58
N LEU A 216 8.08 12.54 -11.21
CA LEU A 216 8.02 11.27 -11.93
C LEU A 216 7.42 11.46 -13.32
N ASP A 217 6.45 12.36 -13.44
CA ASP A 217 5.93 12.71 -14.77
C ASP A 217 7.03 13.36 -15.61
N ARG A 218 7.83 14.22 -14.99
CA ARG A 218 8.94 14.85 -15.70
C ARG A 218 10.01 13.82 -16.05
N LEU A 219 10.30 12.89 -15.13
CA LEU A 219 11.21 11.80 -15.43
C LEU A 219 10.67 10.91 -16.53
N GLU A 220 9.34 10.77 -16.62
CA GLU A 220 8.73 9.91 -17.63
C GLU A 220 8.98 10.46 -19.04
N LYS A 221 8.92 11.79 -19.20
CA LYS A 221 9.13 12.40 -20.51
C LYS A 221 10.61 12.48 -20.89
N ILE A 222 11.52 12.42 -19.91
CA ILE A 222 12.94 12.40 -20.22
C ILE A 222 13.35 11.03 -20.77
N LEU A 223 12.99 9.97 -20.06
CA LEU A 223 13.41 8.62 -20.40
C LEU A 223 12.57 7.97 -21.49
N THR A 224 11.61 8.70 -22.07
CA THR A 224 10.83 8.17 -23.19
C THR A 224 11.75 7.98 -24.39
N GLY A 225 11.94 6.74 -24.81
CA GLY A 225 12.81 6.44 -25.93
C GLY A 225 14.27 6.36 -25.57
N LYS A 226 14.71 7.23 -24.67
CA LYS A 226 16.10 7.22 -24.20
C LYS A 226 16.39 5.95 -23.41
N ASP A 227 17.68 5.61 -23.34
CA ASP A 227 18.14 4.49 -22.53
C ASP A 227 18.82 4.93 -21.25
N TYR A 228 19.19 6.20 -21.14
CA TYR A 228 19.81 6.73 -19.93
C TYR A 228 19.31 8.16 -19.70
N LEU A 229 19.51 8.64 -18.47
CA LEU A 229 18.96 9.93 -18.08
C LEU A 229 19.61 11.09 -18.83
N VAL A 230 20.91 11.03 -19.07
CA VAL A 230 21.63 12.15 -19.67
C VAL A 230 22.66 11.61 -20.66
N GLY A 231 22.70 12.22 -21.84
CA GLY A 231 23.79 12.02 -22.79
C GLY A 231 23.95 10.62 -23.32
N ASP A 232 22.90 9.81 -23.29
CA ASP A 232 22.89 8.47 -23.91
C ASP A 232 24.08 7.63 -23.47
N GLN A 233 24.26 7.52 -22.15
CA GLN A 233 25.31 6.70 -21.57
C GLN A 233 25.01 6.53 -20.09
N LEU A 234 25.46 5.42 -19.51
CA LEU A 234 25.22 5.14 -18.10
C LEU A 234 26.00 6.14 -17.25
N THR A 235 25.28 6.96 -16.51
CA THR A 235 25.87 7.93 -15.59
C THR A 235 25.44 7.60 -14.17
N GLU A 236 26.02 8.33 -13.21
CA GLU A 236 25.60 8.18 -11.83
C GLU A 236 24.13 8.57 -11.65
N ALA A 237 23.67 9.56 -12.42
CA ALA A 237 22.28 9.98 -12.31
C ALA A 237 21.31 8.83 -12.54
N ASP A 238 21.66 7.92 -13.46
CA ASP A 238 20.86 6.71 -13.64
C ASP A 238 20.92 5.83 -12.39
N ILE A 239 22.07 5.81 -11.72
CA ILE A 239 22.25 4.94 -10.56
C ILE A 239 21.52 5.50 -9.35
N ARG A 240 21.58 6.82 -9.15
CA ARG A 240 20.87 7.44 -8.03
C ARG A 240 19.37 7.34 -8.19
N LEU A 241 18.88 7.33 -9.44
CA LEU A 241 17.45 7.17 -9.68
C LEU A 241 17.02 5.70 -9.61
N PHE A 242 17.91 4.78 -9.98
CA PHE A 242 17.53 3.37 -10.02
C PHE A 242 17.21 2.83 -8.64
N VAL A 243 18.01 3.20 -7.63
CA VAL A 243 17.88 2.61 -6.31
C VAL A 243 16.52 2.95 -5.70
N THR A 244 15.92 4.06 -6.11
CA THR A 244 14.59 4.42 -5.64
C THR A 244 13.48 3.79 -6.47
N ILE A 245 13.65 3.77 -7.80
CA ILE A 245 12.60 3.24 -8.67
C ILE A 245 12.46 1.73 -8.54
N VAL A 246 13.57 1.01 -8.32
CA VAL A 246 13.48 -0.44 -8.25
C VAL A 246 12.70 -0.88 -7.02
N ARG A 247 12.73 -0.10 -5.94
CA ARG A 247 11.93 -0.40 -4.75
C ARG A 247 10.67 0.44 -4.66
N PHE A 248 10.37 1.25 -5.67
CA PHE A 248 9.16 2.08 -5.65
C PHE A 248 7.92 1.20 -5.57
N ASP A 249 7.78 0.28 -6.51
CA ASP A 249 6.59 -0.56 -6.59
C ASP A 249 6.51 -1.59 -5.46
N PRO A 250 7.63 -2.24 -5.06
CA PRO A 250 7.52 -3.21 -3.94
C PRO A 250 7.22 -2.58 -2.59
N VAL A 251 8.02 -1.63 -2.16
CA VAL A 251 7.89 -1.06 -0.82
C VAL A 251 7.13 0.28 -0.84
N TYR A 252 7.59 1.22 -1.65
CA TYR A 252 7.21 2.62 -1.49
C TYR A 252 5.73 2.86 -1.77
N VAL A 253 5.11 2.05 -2.62
CA VAL A 253 3.69 2.25 -2.94
C VAL A 253 2.83 1.97 -1.71
N GLY A 254 2.94 0.76 -1.16
CA GLY A 254 2.15 0.39 -0.02
C GLY A 254 2.64 0.99 1.28
N HIS A 255 3.93 0.84 1.57
CA HIS A 255 4.46 1.21 2.88
C HIS A 255 4.54 2.72 3.05
N PHE A 256 4.94 3.44 1.99
CA PHE A 256 5.07 4.89 2.05
C PHE A 256 3.89 5.62 1.42
N LYS A 257 2.79 4.90 1.13
CA LYS A 257 1.57 5.48 0.58
C LYS A 257 1.84 6.37 -0.62
N CYS A 258 2.82 5.99 -1.43
CA CYS A 258 3.11 6.68 -2.69
C CYS A 258 2.38 5.98 -3.84
N ASN A 259 1.05 5.99 -3.76
CA ASN A 259 0.22 5.13 -4.59
C ASN A 259 -0.64 5.91 -5.58
N ILE A 260 -0.24 7.13 -5.94
CA ILE A 260 -0.94 7.85 -6.99
C ILE A 260 -0.92 7.03 -8.28
N ARG A 261 0.23 6.46 -8.61
CA ARG A 261 0.40 5.53 -9.72
C ARG A 261 1.55 4.59 -9.39
N THR A 262 1.52 3.42 -10.01
CA THR A 262 2.62 2.47 -9.90
C THR A 262 3.51 2.60 -11.13
N ILE A 263 4.79 2.27 -10.97
CA ILE A 263 5.73 2.38 -12.08
C ILE A 263 5.43 1.36 -13.18
N ARG A 264 4.95 0.18 -12.80
CA ARG A 264 4.59 -0.85 -13.78
C ARG A 264 3.60 -0.33 -14.80
N ASP A 265 2.47 0.18 -14.33
CA ASP A 265 1.34 0.50 -15.20
C ASP A 265 1.12 2.00 -15.39
N GLY A 266 1.77 2.85 -14.61
CA GLY A 266 1.61 4.28 -14.78
C GLY A 266 2.74 4.96 -15.53
N TYR A 267 3.97 4.48 -15.35
CA TYR A 267 5.16 5.08 -15.94
C TYR A 267 5.90 4.02 -16.76
N PRO A 268 5.46 3.76 -17.99
CA PRO A 268 6.07 2.67 -18.77
C PRO A 268 7.51 2.94 -19.16
N ALA A 269 7.87 4.19 -19.44
CA ALA A 269 9.25 4.48 -19.85
C ALA A 269 10.20 4.45 -18.65
N ILE A 270 9.75 4.93 -17.49
CA ILE A 270 10.54 4.77 -16.28
C ILE A 270 10.68 3.30 -15.91
N ASP A 271 9.57 2.55 -16.00
CA ASP A 271 9.62 1.12 -15.75
C ASP A 271 10.58 0.42 -16.69
N LEU A 272 10.40 0.62 -18.00
CA LEU A 272 11.23 -0.07 -18.99
C LEU A 272 12.69 0.34 -18.84
N TRP A 273 12.94 1.63 -18.57
CA TRP A 273 14.29 2.09 -18.29
C TRP A 273 14.92 1.31 -17.14
N MET A 274 14.14 1.05 -16.09
CA MET A 274 14.69 0.36 -14.92
C MET A 274 15.01 -1.09 -15.24
N ARG A 275 14.15 -1.75 -16.01
CA ARG A 275 14.36 -3.16 -16.33
C ARG A 275 15.53 -3.37 -17.29
N LYS A 276 15.93 -2.33 -18.04
CA LYS A 276 17.11 -2.48 -18.88
C LYS A 276 18.40 -2.33 -18.09
N LEU A 277 18.35 -1.62 -16.96
CA LEU A 277 19.47 -1.62 -16.02
C LEU A 277 19.51 -2.90 -15.20
N TYR A 278 18.36 -3.52 -14.94
CA TYR A 278 18.31 -4.69 -14.08
C TYR A 278 18.74 -5.94 -14.82
N TRP A 279 18.07 -6.26 -15.93
CA TRP A 279 18.30 -7.53 -16.60
C TRP A 279 19.50 -7.52 -17.55
N ASN A 280 20.01 -6.35 -17.93
CA ASN A 280 21.12 -6.27 -18.86
C ASN A 280 22.42 -5.82 -18.22
N ASN A 281 22.41 -5.47 -16.94
CA ASN A 281 23.63 -5.13 -16.21
C ASN A 281 23.62 -5.89 -14.89
N SER A 282 24.63 -6.75 -14.69
CA SER A 282 24.67 -7.58 -13.49
C SER A 282 24.87 -6.76 -12.24
N ALA A 283 25.50 -5.58 -12.35
CA ALA A 283 25.79 -4.76 -11.18
C ALA A 283 24.53 -4.16 -10.55
N PHE A 284 23.38 -4.26 -11.20
CA PHE A 284 22.11 -3.83 -10.62
C PHE A 284 21.29 -4.99 -10.10
N SER A 285 21.41 -6.17 -10.72
CA SER A 285 20.69 -7.35 -10.26
C SER A 285 21.35 -7.96 -9.03
N SER A 286 22.67 -8.17 -9.09
CA SER A 286 23.38 -8.82 -7.99
C SER A 286 23.40 -7.96 -6.73
N THR A 287 23.18 -6.66 -6.85
CA THR A 287 23.12 -5.76 -5.70
C THR A 287 21.69 -5.53 -5.21
N CYS A 288 20.73 -6.32 -5.69
CA CYS A 288 19.31 -6.10 -5.41
C CYS A 288 18.75 -7.36 -4.76
N ASN A 289 18.52 -7.29 -3.45
CA ASN A 289 17.90 -8.37 -2.69
C ASN A 289 16.54 -7.86 -2.22
N PHE A 290 15.49 -8.28 -2.91
CA PHE A 290 14.15 -7.79 -2.61
C PHE A 290 13.68 -8.21 -1.22
N GLU A 291 14.07 -9.41 -0.77
CA GLU A 291 13.71 -9.84 0.57
C GLU A 291 14.27 -8.88 1.62
N HIS A 292 15.56 -8.57 1.54
CA HIS A 292 16.15 -7.59 2.45
C HIS A 292 15.45 -6.25 2.36
N ILE A 293 15.10 -5.83 1.13
CA ILE A 293 14.40 -4.56 0.95
C ILE A 293 13.05 -4.59 1.65
N LYS A 294 12.20 -5.54 1.29
CA LYS A 294 10.84 -5.56 1.80
C LYS A 294 10.79 -5.88 3.29
N THR A 295 11.71 -6.74 3.77
CA THR A 295 11.71 -7.07 5.20
C THR A 295 12.12 -5.87 6.04
N HIS A 296 13.07 -5.07 5.56
CA HIS A 296 13.53 -3.92 6.36
C HIS A 296 12.41 -2.91 6.56
N TYR A 297 11.87 -2.37 5.47
CA TYR A 297 10.92 -1.28 5.57
C TYR A 297 9.70 -1.66 6.40
N TYR A 298 9.17 -2.87 6.18
CA TYR A 298 7.95 -3.26 6.88
C TYR A 298 8.21 -3.70 8.32
N TRP A 299 9.38 -4.25 8.62
CA TRP A 299 9.68 -4.72 9.96
C TRP A 299 10.24 -3.61 10.85
N SER A 300 11.02 -2.70 10.29
CA SER A 300 11.79 -1.73 11.08
C SER A 300 11.02 -0.48 11.45
N HIS A 301 9.81 -0.28 10.91
CA HIS A 301 9.03 0.94 11.15
C HIS A 301 7.74 0.57 11.88
N PRO A 302 7.80 0.41 13.20
CA PRO A 302 6.59 0.07 13.96
C PRO A 302 5.59 1.21 14.04
N GLN A 303 5.97 2.41 13.63
CA GLN A 303 5.07 3.56 13.63
C GLN A 303 4.43 3.80 12.26
N ILE A 304 4.64 2.90 11.31
CA ILE A 304 3.99 2.96 10.01
C ILE A 304 3.31 1.63 9.74
N ASN A 305 3.89 0.55 10.25
CA ASN A 305 3.29 -0.79 10.18
C ASN A 305 3.56 -1.47 11.52
N PRO A 306 2.64 -1.33 12.47
CA PRO A 306 2.94 -1.77 13.85
C PRO A 306 3.17 -3.26 14.01
N HIS A 307 2.46 -4.10 13.25
CA HIS A 307 2.57 -5.54 13.42
C HIS A 307 3.62 -6.17 12.52
N ARG A 308 4.46 -5.35 11.88
CA ARG A 308 5.68 -5.81 11.18
C ARG A 308 5.38 -6.90 10.15
N VAL A 309 4.20 -6.84 9.55
CA VAL A 309 3.82 -7.83 8.54
C VAL A 309 4.30 -7.35 7.18
N VAL A 310 5.05 -8.20 6.49
CA VAL A 310 5.58 -7.91 5.17
C VAL A 310 4.61 -8.47 4.14
N PRO A 311 4.02 -7.64 3.28
CA PRO A 311 3.05 -8.17 2.30
C PRO A 311 3.72 -9.15 1.34
N VAL A 312 2.90 -10.05 0.78
CA VAL A 312 3.33 -10.82 -0.36
C VAL A 312 3.74 -9.90 -1.49
N GLY A 313 3.27 -8.65 -1.47
CA GLY A 313 3.79 -7.61 -2.32
C GLY A 313 3.40 -7.75 -3.77
N PRO A 314 3.85 -6.80 -4.59
CA PRO A 314 3.61 -6.92 -6.03
C PRO A 314 4.34 -8.12 -6.59
N ILE A 315 3.61 -8.97 -7.31
CA ILE A 315 4.20 -10.15 -7.90
C ILE A 315 4.25 -9.97 -9.41
N PRO A 316 5.47 -10.05 -9.99
CA PRO A 316 6.73 -10.32 -9.31
C PRO A 316 7.39 -9.06 -8.73
N ASN A 317 8.52 -9.24 -8.04
CA ASN A 317 9.26 -8.09 -7.50
C ASN A 317 9.58 -7.08 -8.59
N ILE A 318 9.90 -7.55 -9.79
CA ILE A 318 10.19 -6.69 -10.93
C ILE A 318 9.80 -7.47 -12.18
N LEU A 319 9.21 -6.76 -13.15
CA LEU A 319 8.68 -7.44 -14.32
C LEU A 319 9.82 -7.94 -15.20
N PRO A 320 9.55 -8.98 -16.01
CA PRO A 320 10.59 -9.50 -16.91
C PRO A 320 11.05 -8.47 -17.94
N LEU A 321 12.01 -8.80 -18.76
CA LEU A 321 12.46 -7.85 -19.75
C LEU A 321 11.55 -7.77 -20.96
N HIS A 322 10.54 -8.61 -21.01
CA HIS A 322 9.58 -8.59 -22.10
C HIS A 322 8.19 -8.39 -21.52
N HIS A 323 7.57 -7.26 -21.84
CA HIS A 323 6.30 -6.90 -21.22
C HIS A 323 5.37 -6.21 -22.22
N PRO B 29 -20.28 -12.76 13.45
CA PRO B 29 -21.37 -13.47 14.11
C PRO B 29 -22.47 -12.51 14.58
N SER B 30 -23.28 -12.02 13.65
CA SER B 30 -24.26 -11.00 13.98
C SER B 30 -25.49 -11.60 14.63
N VAL B 31 -26.06 -10.84 15.57
CA VAL B 31 -27.27 -11.25 16.28
C VAL B 31 -28.40 -10.55 15.52
N PHE B 32 -29.62 -10.61 16.04
CA PHE B 32 -30.82 -10.07 15.40
C PHE B 32 -30.96 -10.61 13.98
N ARG B 33 -31.84 -11.58 13.80
CA ARG B 33 -31.97 -12.28 12.52
C ARG B 33 -33.45 -12.51 12.21
N ASN B 34 -34.24 -11.44 12.30
CA ASN B 34 -35.66 -11.51 11.98
C ASN B 34 -35.92 -10.90 10.61
N PHE B 35 -37.00 -11.35 9.98
CA PHE B 35 -37.30 -10.99 8.61
C PHE B 35 -38.58 -10.18 8.53
N VAL B 36 -38.63 -9.27 7.56
CA VAL B 36 -39.82 -8.48 7.30
C VAL B 36 -40.66 -9.24 6.28
N GLU B 37 -41.67 -9.96 6.78
CA GLU B 37 -42.52 -10.80 5.95
C GLU B 37 -43.97 -10.55 6.31
N LYS B 38 -44.82 -10.53 5.29
CA LYS B 38 -46.25 -10.35 5.47
C LYS B 38 -46.79 -11.34 6.49
N GLY B 39 -47.72 -10.87 7.33
CA GLY B 39 -48.28 -11.71 8.37
C GLY B 39 -47.36 -11.97 9.54
N GLY B 40 -46.35 -11.12 9.74
CA GLY B 40 -45.44 -11.27 10.86
C GLY B 40 -45.37 -10.02 11.70
N ALA B 41 -44.61 -10.12 12.80
CA ALA B 41 -44.43 -8.97 13.69
C ALA B 41 -43.82 -7.79 12.96
N PHE B 42 -42.98 -8.05 11.96
CA PHE B 42 -42.39 -7.02 11.12
C PHE B 42 -42.95 -7.22 9.72
N ALA B 43 -44.03 -6.52 9.43
CA ALA B 43 -44.70 -6.60 8.14
C ALA B 43 -44.24 -5.47 7.23
N PRO B 44 -44.22 -5.69 5.92
CA PRO B 44 -43.75 -4.63 5.01
C PRO B 44 -44.72 -3.46 4.95
N GLU B 45 -44.58 -2.52 5.88
CA GLU B 45 -45.42 -1.35 5.97
C GLU B 45 -44.61 -0.09 5.63
N LYS B 46 -45.22 0.81 4.87
CA LYS B 46 -44.54 1.99 4.37
C LYS B 46 -44.11 2.93 5.49
N GLY B 47 -42.87 3.38 5.43
CA GLY B 47 -42.36 4.33 6.41
C GLY B 47 -42.29 3.79 7.82
N ARG B 48 -42.02 2.50 7.97
CA ARG B 48 -41.91 1.87 9.28
C ARG B 48 -40.47 1.51 9.66
N TYR B 49 -39.57 1.43 8.69
CA TYR B 49 -38.23 0.92 8.93
C TYR B 49 -37.19 1.97 8.58
N HIS B 50 -36.15 2.04 9.40
CA HIS B 50 -35.05 2.99 9.22
C HIS B 50 -33.75 2.21 9.13
N LEU B 51 -32.91 2.57 8.16
CA LEU B 51 -31.67 1.85 7.90
C LEU B 51 -30.49 2.72 8.32
N TYR B 52 -29.77 2.30 9.35
CA TYR B 52 -28.56 2.97 9.79
C TYR B 52 -27.37 2.33 9.09
N VAL B 53 -26.62 3.13 8.33
CA VAL B 53 -25.53 2.62 7.51
C VAL B 53 -24.34 3.58 7.60
N SER B 54 -23.27 3.19 6.91
CA SER B 54 -22.15 4.06 6.59
C SER B 54 -21.78 3.82 5.14
N TYR B 55 -21.38 4.88 4.45
CA TYR B 55 -21.01 4.73 3.04
C TYR B 55 -19.74 3.91 2.86
N ALA B 56 -18.97 3.70 3.92
CA ALA B 56 -17.69 2.99 3.85
C ALA B 56 -17.82 1.49 4.11
N CYS B 57 -18.71 1.09 5.01
CA CYS B 57 -18.86 -0.32 5.33
C CYS B 57 -19.43 -1.06 4.14
N PRO B 58 -18.75 -2.08 3.61
CA PRO B 58 -19.25 -2.75 2.41
C PRO B 58 -20.52 -3.54 2.65
N TRP B 59 -20.74 -4.03 3.86
CA TRP B 59 -21.98 -4.75 4.15
C TRP B 59 -23.16 -3.79 4.23
N ALA B 60 -22.94 -2.58 4.74
CA ALA B 60 -23.99 -1.58 4.72
C ALA B 60 -24.32 -1.13 3.29
N THR B 61 -23.28 -0.96 2.46
CA THR B 61 -23.51 -0.52 1.08
C THR B 61 -24.32 -1.56 0.29
N ARG B 62 -24.22 -2.83 0.66
CA ARG B 62 -25.10 -3.85 0.08
C ARG B 62 -26.56 -3.45 0.19
N THR B 63 -27.02 -3.27 1.43
CA THR B 63 -28.41 -2.89 1.69
C THR B 63 -28.83 -1.68 0.88
N LEU B 64 -27.98 -0.66 0.82
CA LEU B 64 -28.34 0.57 0.14
C LEU B 64 -28.46 0.37 -1.37
N ILE B 65 -27.56 -0.42 -1.97
CA ILE B 65 -27.64 -0.68 -3.40
C ILE B 65 -28.95 -1.38 -3.74
N VAL B 66 -29.30 -2.43 -2.99
CA VAL B 66 -30.55 -3.13 -3.23
C VAL B 66 -31.73 -2.23 -2.90
N ARG B 67 -31.55 -1.30 -1.96
CA ARG B 67 -32.64 -0.39 -1.59
C ARG B 67 -32.98 0.56 -2.74
N LYS B 68 -32.03 0.82 -3.63
CA LYS B 68 -32.26 1.72 -4.75
C LYS B 68 -32.59 1.01 -6.05
N ILE B 69 -32.17 -0.25 -6.21
CA ILE B 69 -32.54 -1.02 -7.40
C ILE B 69 -34.04 -1.25 -7.44
N LYS B 70 -34.64 -1.54 -6.28
CA LYS B 70 -36.07 -1.83 -6.20
C LYS B 70 -36.92 -0.63 -5.80
N GLY B 71 -36.32 0.55 -5.66
CA GLY B 71 -37.05 1.76 -5.33
C GLY B 71 -37.80 1.68 -4.02
N LEU B 72 -37.07 1.64 -2.90
CA LEU B 72 -37.67 1.54 -1.57
C LEU B 72 -37.37 2.77 -0.73
N GLU B 73 -36.97 3.87 -1.37
CA GLU B 73 -36.65 5.11 -0.65
C GLU B 73 -37.89 5.74 0.00
N GLU B 74 -39.03 5.07 -0.17
CA GLU B 74 -40.30 5.51 0.39
C GLU B 74 -40.81 4.51 1.44
N PHE B 75 -40.05 3.44 1.66
CA PHE B 75 -40.34 2.42 2.67
C PHE B 75 -39.27 2.33 3.74
N ILE B 76 -38.03 2.72 3.43
CA ILE B 76 -36.89 2.60 4.34
C ILE B 76 -36.10 3.89 4.24
N ASP B 77 -35.96 4.60 5.36
CA ASP B 77 -35.10 5.77 5.39
C ASP B 77 -33.67 5.36 5.74
N VAL B 78 -32.74 6.29 5.54
CA VAL B 78 -31.32 5.98 5.68
C VAL B 78 -30.64 7.11 6.44
N SER B 79 -30.00 6.77 7.57
CA SER B 79 -29.12 7.69 8.29
C SER B 79 -27.69 7.25 8.07
N VAL B 80 -26.87 8.16 7.57
CA VAL B 80 -25.47 7.86 7.24
C VAL B 80 -24.58 8.34 8.39
N VAL B 81 -23.89 7.39 9.01
CA VAL B 81 -23.01 7.72 10.13
C VAL B 81 -21.68 8.25 9.60
N SER B 82 -20.99 9.01 10.45
CA SER B 82 -19.68 9.54 10.09
C SER B 82 -18.71 8.40 9.86
N PRO B 83 -17.83 8.49 8.86
CA PRO B 83 -16.89 7.39 8.60
C PRO B 83 -15.77 7.30 9.61
N ARG B 84 -15.46 8.38 10.34
CA ARG B 84 -14.37 8.35 11.31
C ARG B 84 -14.84 7.61 12.56
N MET B 85 -14.84 6.28 12.46
CA MET B 85 -15.10 5.44 13.61
C MET B 85 -13.92 5.55 14.58
N GLY B 86 -14.19 5.31 15.86
CA GLY B 86 -13.13 5.34 16.85
C GLY B 86 -13.62 5.46 18.26
N ALA B 87 -12.90 4.82 19.20
CA ALA B 87 -13.22 4.87 20.62
C ALA B 87 -14.65 4.41 20.89
N HIS B 88 -15.62 5.25 20.53
CA HIS B 88 -17.03 4.97 20.78
C HIS B 88 -17.74 4.40 19.56
N GLY B 89 -17.01 3.88 18.59
CA GLY B 89 -17.64 3.30 17.42
C GLY B 89 -18.10 4.36 16.43
N TRP B 90 -19.09 3.98 15.62
CA TRP B 90 -19.61 4.85 14.58
C TRP B 90 -20.28 6.08 15.19
N PRO B 91 -19.83 7.29 14.88
CA PRO B 91 -20.49 8.48 15.41
C PRO B 91 -21.50 9.06 14.44
N PHE B 92 -22.42 9.88 14.95
CA PHE B 92 -23.39 10.57 14.11
C PHE B 92 -22.93 12.02 13.88
N ALA B 93 -23.64 12.70 12.98
CA ALA B 93 -23.19 14.02 12.52
C ALA B 93 -23.18 15.06 13.63
N ASN B 94 -23.86 14.81 14.75
CA ASN B 94 -23.88 15.80 15.82
C ASN B 94 -22.56 15.83 16.59
N VAL B 95 -21.89 14.69 16.72
CA VAL B 95 -20.59 14.67 17.38
C VAL B 95 -19.44 14.83 16.38
N ASP B 96 -19.57 14.23 15.19
CA ASP B 96 -18.58 14.36 14.13
C ASP B 96 -19.32 14.76 12.85
N ALA B 97 -19.15 16.01 12.43
CA ALA B 97 -19.93 16.56 11.33
C ALA B 97 -19.15 16.43 10.03
N PHE B 98 -19.07 15.22 9.53
CA PHE B 98 -18.44 14.88 8.27
C PHE B 98 -19.41 15.09 7.10
N PRO B 99 -18.93 15.55 5.95
CA PRO B 99 -19.82 15.73 4.80
C PRO B 99 -20.45 14.41 4.36
N GLY B 100 -21.75 14.45 4.08
CA GLY B 100 -22.50 13.27 3.72
C GLY B 100 -23.02 12.47 4.89
N ALA B 101 -22.64 12.81 6.11
CA ALA B 101 -23.14 12.14 7.31
C ALA B 101 -24.43 12.79 7.80
N ASP B 102 -25.30 11.97 8.36
CA ASP B 102 -26.58 12.42 8.88
C ASP B 102 -26.60 12.36 10.40
N ALA B 103 -27.39 13.23 11.00
CA ALA B 103 -27.68 13.11 12.42
C ALA B 103 -28.72 12.02 12.62
N ASP B 104 -28.83 11.55 13.87
CA ASP B 104 -29.83 10.53 14.15
C ASP B 104 -31.21 11.16 14.26
N PRO B 105 -32.12 10.87 13.32
CA PRO B 105 -33.42 11.54 13.33
C PRO B 105 -34.44 10.88 14.24
N LEU B 106 -34.21 9.66 14.69
CA LEU B 106 -35.17 8.95 15.53
C LEU B 106 -34.94 9.23 17.00
N PHE B 107 -33.69 9.25 17.43
CA PHE B 107 -33.31 9.49 18.81
C PHE B 107 -32.16 10.49 18.84
N GLY B 108 -31.78 10.92 20.03
CA GLY B 108 -30.67 11.84 20.15
C GLY B 108 -29.35 11.11 20.22
N ALA B 109 -29.28 9.94 19.58
CA ALA B 109 -28.11 9.08 19.71
C ALA B 109 -26.87 9.74 19.12
N GLU B 110 -25.76 9.59 19.85
CA GLU B 110 -24.46 10.07 19.41
C GLU B 110 -23.65 9.00 18.68
N HIS B 111 -23.80 7.75 19.09
CA HIS B 111 -23.09 6.64 18.46
C HIS B 111 -24.04 5.47 18.25
N VAL B 112 -23.65 4.57 17.34
CA VAL B 112 -24.44 3.39 17.04
C VAL B 112 -24.66 2.52 18.27
N LYS B 113 -23.72 2.58 19.22
CA LYS B 113 -23.88 1.86 20.49
C LYS B 113 -25.23 2.16 21.13
N ASP B 114 -25.72 3.39 21.00
CA ASP B 114 -26.92 3.82 21.70
C ASP B 114 -28.13 3.02 21.26
N LEU B 115 -28.17 2.62 19.99
CA LEU B 115 -29.30 1.85 19.48
C LEU B 115 -29.24 0.40 19.97
N TYR B 116 -28.05 -0.17 20.09
CA TYR B 116 -27.91 -1.52 20.62
C TYR B 116 -28.27 -1.57 22.10
N MET B 117 -27.80 -0.60 22.89
CA MET B 117 -28.07 -0.60 24.32
C MET B 117 -29.48 -0.12 24.62
N ARG B 118 -30.16 0.46 23.62
CA ARG B 118 -31.58 0.75 23.75
C ARG B 118 -32.38 -0.54 23.85
N VAL B 119 -32.07 -1.53 23.01
CA VAL B 119 -32.86 -2.76 22.98
C VAL B 119 -32.44 -3.72 24.09
N ASN B 120 -31.15 -3.76 24.43
CA ASN B 120 -30.66 -4.62 25.49
C ASN B 120 -29.49 -3.94 26.19
N PRO B 121 -29.66 -3.46 27.42
CA PRO B 121 -28.58 -2.70 28.08
C PRO B 121 -27.39 -3.54 28.53
N ASP B 122 -27.48 -4.87 28.59
CA ASP B 122 -26.32 -5.69 28.91
C ASP B 122 -25.92 -6.54 27.70
N TYR B 123 -25.85 -5.90 26.53
CA TYR B 123 -25.53 -6.56 25.28
C TYR B 123 -24.01 -6.60 25.08
N GLU B 124 -23.45 -7.82 25.04
CA GLU B 124 -22.01 -8.04 24.94
C GLU B 124 -21.55 -8.30 23.51
N GLY B 125 -22.42 -8.11 22.52
CA GLY B 125 -22.02 -8.27 21.14
C GLY B 125 -21.25 -7.06 20.64
N ARG B 126 -21.26 -6.89 19.33
CA ARG B 126 -20.60 -5.77 18.68
C ARG B 126 -21.65 -4.82 18.10
N PHE B 127 -21.19 -3.60 17.79
CA PHE B 127 -22.08 -2.56 17.29
C PHE B 127 -21.92 -2.45 15.78
N THR B 128 -22.39 -3.50 15.10
CA THR B 128 -22.18 -3.64 13.66
C THR B 128 -23.19 -2.82 12.88
N VAL B 129 -22.70 -2.24 11.78
CA VAL B 129 -23.50 -1.55 10.80
C VAL B 129 -23.49 -2.44 9.56
N PRO B 130 -24.60 -2.55 8.82
CA PRO B 130 -25.89 -1.84 8.84
C PRO B 130 -26.84 -2.23 9.96
N ILE B 131 -27.84 -1.38 10.18
CA ILE B 131 -28.92 -1.61 11.14
C ILE B 131 -30.22 -1.34 10.41
N LEU B 132 -31.12 -2.32 10.40
CA LEU B 132 -32.49 -2.10 9.95
C LEU B 132 -33.33 -1.96 11.20
N TRP B 133 -33.85 -0.75 11.43
CA TRP B 133 -34.54 -0.41 12.67
C TRP B 133 -36.04 -0.33 12.42
N ASP B 134 -36.82 -0.96 13.30
CA ASP B 134 -38.27 -0.90 13.24
C ASP B 134 -38.74 0.25 14.11
N LYS B 135 -39.30 1.29 13.48
CA LYS B 135 -39.76 2.46 14.23
C LYS B 135 -40.91 2.10 15.15
N LYS B 136 -41.80 1.22 14.71
CA LYS B 136 -43.02 0.95 15.48
C LYS B 136 -42.71 0.22 16.78
N THR B 137 -41.83 -0.78 16.75
CA THR B 137 -41.47 -1.51 17.95
C THR B 137 -40.32 -0.87 18.72
N SER B 138 -39.52 -0.04 18.07
CA SER B 138 -38.27 0.51 18.63
C SER B 138 -37.31 -0.64 19.00
N ALA B 139 -37.00 -1.44 17.99
CA ALA B 139 -36.11 -2.59 18.16
C ALA B 139 -35.39 -2.82 16.85
N ILE B 140 -34.36 -3.67 16.89
CA ILE B 140 -33.58 -4.01 15.71
C ILE B 140 -34.19 -5.25 15.06
N VAL B 141 -34.62 -5.12 13.81
CA VAL B 141 -35.13 -6.27 13.08
C VAL B 141 -33.99 -7.15 12.62
N ASN B 142 -32.99 -6.55 11.98
CA ASN B 142 -31.91 -7.29 11.36
C ASN B 142 -30.72 -6.35 11.19
N ASN B 143 -29.52 -6.93 11.32
CA ASN B 143 -28.30 -6.19 11.01
C ASN B 143 -27.30 -7.08 10.27
N GLU B 144 -27.79 -8.14 9.61
CA GLU B 144 -26.98 -9.03 8.79
C GLU B 144 -27.26 -8.67 7.35
N SER B 145 -26.23 -8.15 6.65
CA SER B 145 -26.43 -7.58 5.33
C SER B 145 -26.92 -8.61 4.32
N SER B 146 -26.51 -9.87 4.45
CA SER B 146 -26.93 -10.90 3.51
C SER B 146 -28.46 -11.04 3.49
N GLU B 147 -29.09 -10.95 4.66
CA GLU B 147 -30.55 -11.12 4.72
C GLU B 147 -31.30 -9.83 4.41
N ILE B 148 -30.74 -8.68 4.79
CA ILE B 148 -31.44 -7.42 4.58
C ILE B 148 -31.68 -7.18 3.09
N ILE B 149 -30.65 -7.43 2.27
CA ILE B 149 -30.82 -7.32 0.83
C ILE B 149 -31.77 -8.39 0.29
N ARG B 150 -31.96 -9.49 1.03
CA ARG B 150 -32.88 -10.54 0.58
C ARG B 150 -34.30 -10.31 1.06
N MET B 151 -34.49 -9.66 2.21
CA MET B 151 -35.83 -9.21 2.57
C MET B 151 -36.19 -7.95 1.80
N PHE B 152 -35.19 -7.14 1.44
CA PHE B 152 -35.40 -6.06 0.49
C PHE B 152 -35.72 -6.58 -0.90
N ASN B 153 -35.61 -7.89 -1.13
CA ASN B 153 -35.85 -8.49 -2.43
C ASN B 153 -37.26 -9.07 -2.58
N THR B 154 -37.82 -9.63 -1.51
CA THR B 154 -39.20 -10.09 -1.48
C THR B 154 -40.03 -9.07 -0.70
N ALA B 155 -40.92 -9.49 0.20
CA ALA B 155 -41.64 -8.62 1.13
C ALA B 155 -42.43 -7.50 0.44
N PHE B 156 -41.74 -6.45 0.05
CA PHE B 156 -42.36 -5.20 -0.36
C PHE B 156 -42.93 -5.21 -1.79
N ASN B 157 -43.00 -6.36 -2.45
CA ASN B 157 -43.35 -6.37 -3.88
C ASN B 157 -44.78 -5.90 -4.13
N ASP B 158 -45.71 -6.25 -3.23
CA ASP B 158 -47.10 -5.88 -3.44
C ASP B 158 -47.30 -4.37 -3.54
N GLN B 159 -46.49 -3.58 -2.83
CA GLN B 159 -46.63 -2.14 -2.80
C GLN B 159 -45.71 -1.41 -3.78
N LEU B 160 -44.90 -2.13 -4.56
CA LEU B 160 -44.00 -1.44 -5.47
C LEU B 160 -44.62 -1.34 -6.87
N PRO B 161 -44.16 -0.37 -7.67
CA PRO B 161 -44.58 -0.32 -9.07
C PRO B 161 -44.17 -1.56 -9.84
N SER B 162 -44.69 -1.68 -11.06
CA SER B 162 -44.52 -2.91 -11.84
C SER B 162 -43.06 -3.16 -12.20
N ASP B 163 -42.36 -2.15 -12.70
CA ASP B 163 -40.98 -2.34 -13.14
C ASP B 163 -40.06 -2.67 -11.97
N LYS B 164 -40.15 -1.89 -10.88
CA LYS B 164 -39.25 -2.09 -9.75
C LYS B 164 -39.54 -3.38 -9.00
N ALA B 165 -40.81 -3.81 -8.98
CA ALA B 165 -41.16 -5.07 -8.32
C ALA B 165 -40.77 -6.29 -9.14
N ALA B 166 -40.58 -6.12 -10.45
CA ALA B 166 -40.17 -7.24 -11.30
C ALA B 166 -38.76 -7.71 -10.97
N ILE B 167 -37.90 -6.81 -10.47
CA ILE B 167 -36.52 -7.17 -10.16
C ILE B 167 -36.48 -8.29 -9.15
N ASP B 168 -35.66 -9.31 -9.43
CA ASP B 168 -35.46 -10.42 -8.50
C ASP B 168 -33.96 -10.75 -8.51
N LEU B 169 -33.26 -10.38 -7.45
CA LEU B 169 -31.84 -10.67 -7.30
C LEU B 169 -31.58 -12.06 -6.77
N TYR B 170 -32.56 -12.95 -6.86
CA TYR B 170 -32.43 -14.28 -6.29
C TYR B 170 -33.51 -15.21 -6.84
N PRO B 171 -33.61 -15.41 -8.16
CA PRO B 171 -34.61 -16.34 -8.68
C PRO B 171 -34.17 -17.77 -8.44
N GLU B 172 -35.13 -18.62 -8.09
CA GLU B 172 -34.81 -19.94 -7.57
C GLU B 172 -34.34 -20.91 -8.66
N ALA B 173 -34.40 -20.51 -9.93
CA ALA B 173 -33.74 -21.32 -10.95
C ALA B 173 -32.23 -21.29 -10.77
N LEU B 174 -31.69 -20.13 -10.38
CA LEU B 174 -30.26 -20.01 -10.16
C LEU B 174 -29.95 -19.68 -8.70
N ARG B 175 -30.82 -20.10 -7.79
CA ARG B 175 -30.62 -19.82 -6.36
C ARG B 175 -29.50 -20.64 -5.74
N GLY B 176 -29.70 -21.96 -5.64
CA GLY B 176 -28.69 -22.86 -5.12
C GLY B 176 -27.30 -22.64 -5.67
N GLU B 177 -27.23 -22.26 -6.94
CA GLU B 177 -25.97 -21.98 -7.60
C GLU B 177 -25.36 -20.67 -7.06
N ILE B 178 -26.22 -19.73 -6.67
CA ILE B 178 -25.73 -18.46 -6.14
C ILE B 178 -25.14 -18.65 -4.75
N ASP B 179 -25.83 -19.40 -3.89
CA ASP B 179 -25.29 -19.66 -2.56
C ASP B 179 -23.94 -20.37 -2.64
N GLY B 180 -23.73 -21.19 -3.66
CA GLY B 180 -22.42 -21.79 -3.86
C GLY B 180 -21.33 -20.76 -4.09
N ILE B 181 -21.53 -19.88 -5.08
CA ILE B 181 -20.53 -18.87 -5.39
C ILE B 181 -20.46 -17.83 -4.29
N ASN B 182 -21.60 -17.45 -3.71
CA ASN B 182 -21.58 -16.47 -2.62
C ASN B 182 -20.84 -17.00 -1.39
N GLU B 183 -20.78 -18.31 -1.22
CA GLU B 183 -20.13 -18.90 -0.05
C GLU B 183 -18.62 -18.81 -0.06
N TRP B 184 -18.00 -19.16 -1.18
CA TRP B 184 -16.55 -19.04 -1.25
C TRP B 184 -16.09 -17.65 -1.65
N VAL B 185 -16.95 -16.85 -2.29
CA VAL B 185 -16.65 -15.44 -2.46
C VAL B 185 -16.70 -14.72 -1.11
N TYR B 186 -17.61 -15.14 -0.24
CA TYR B 186 -17.66 -14.54 1.10
C TYR B 186 -16.41 -14.89 1.90
N ASP B 187 -16.01 -16.16 1.90
CA ASP B 187 -14.96 -16.60 2.79
C ASP B 187 -13.59 -16.08 2.35
N THR B 188 -13.33 -16.08 1.04
CA THR B 188 -12.01 -15.73 0.53
C THR B 188 -11.88 -14.30 0.04
N VAL B 189 -12.98 -13.66 -0.37
CA VAL B 189 -12.94 -12.33 -0.97
C VAL B 189 -13.62 -11.29 -0.07
N ASN B 190 -14.91 -11.45 0.19
CA ASN B 190 -15.64 -10.50 1.03
C ASN B 190 -14.97 -10.35 2.39
N ASN B 191 -14.60 -11.48 3.00
CA ASN B 191 -13.96 -11.49 4.31
C ASN B 191 -12.45 -11.68 4.20
N GLY B 192 -11.97 -12.26 3.10
CA GLY B 192 -10.53 -12.48 2.96
C GLY B 192 -9.70 -11.21 3.06
N VAL B 193 -10.21 -10.11 2.52
CA VAL B 193 -9.49 -8.84 2.64
C VAL B 193 -9.38 -8.42 4.10
N TYR B 194 -10.36 -8.79 4.93
CA TYR B 194 -10.35 -8.37 6.33
C TYR B 194 -9.39 -9.21 7.15
N LYS B 195 -9.31 -10.52 6.90
CA LYS B 195 -8.30 -11.31 7.60
C LYS B 195 -6.91 -11.01 7.06
N SER B 196 -6.82 -10.37 5.91
CA SER B 196 -5.52 -9.91 5.40
C SER B 196 -5.01 -8.72 6.19
N GLY B 197 -5.82 -7.65 6.27
CA GLY B 197 -5.35 -6.44 6.89
C GLY B 197 -5.30 -6.52 8.41
N PHE B 198 -6.26 -7.23 9.02
CA PHE B 198 -6.34 -7.31 10.47
C PHE B 198 -5.50 -8.43 11.07
N ALA B 199 -4.84 -9.25 10.24
CA ALA B 199 -3.98 -10.29 10.78
C ALA B 199 -2.85 -9.66 11.58
N THR B 200 -2.51 -10.28 12.70
CA THR B 200 -1.44 -9.80 13.56
C THR B 200 -0.16 -10.62 13.44
N SER B 201 -0.13 -11.59 12.55
CA SER B 201 1.06 -12.41 12.35
C SER B 201 1.31 -12.58 10.86
N GLN B 202 2.57 -12.87 10.53
CA GLN B 202 2.94 -13.13 9.15
C GLN B 202 2.26 -14.40 8.64
N LYS B 203 2.14 -15.41 9.51
CA LYS B 203 1.57 -16.69 9.10
C LYS B 203 0.09 -16.54 8.76
N ALA B 204 -0.67 -15.90 9.66
CA ALA B 204 -2.09 -15.67 9.42
C ALA B 204 -2.32 -14.74 8.22
N TYR B 205 -1.47 -13.73 8.06
CA TYR B 205 -1.59 -12.84 6.90
C TYR B 205 -1.49 -13.62 5.59
N GLU B 206 -0.42 -14.40 5.43
CA GLU B 206 -0.22 -15.15 4.20
C GLU B 206 -1.32 -16.18 3.99
N ALA B 207 -1.87 -16.73 5.08
CA ALA B 207 -2.94 -17.71 4.97
C ALA B 207 -4.22 -17.11 4.39
N ALA B 208 -4.35 -15.79 4.36
CA ALA B 208 -5.57 -15.13 3.90
C ALA B 208 -5.44 -14.49 2.52
N VAL B 209 -4.28 -13.90 2.21
CA VAL B 209 -4.14 -13.18 0.94
C VAL B 209 -4.05 -14.15 -0.24
N VAL B 210 -3.40 -15.29 -0.05
CA VAL B 210 -3.19 -16.23 -1.14
C VAL B 210 -4.53 -16.85 -1.56
N PRO B 211 -5.37 -17.33 -0.64
CA PRO B 211 -6.71 -17.76 -1.07
C PRO B 211 -7.54 -16.63 -1.65
N LEU B 212 -7.32 -15.39 -1.19
CA LEU B 212 -8.03 -14.24 -1.74
C LEU B 212 -7.74 -14.10 -3.23
N PHE B 213 -6.46 -14.01 -3.60
CA PHE B 213 -6.10 -13.83 -5.01
C PHE B 213 -6.31 -15.11 -5.82
N GLU B 214 -6.26 -16.28 -5.17
CA GLU B 214 -6.58 -17.51 -5.88
C GLU B 214 -8.05 -17.52 -6.29
N SER B 215 -8.95 -17.09 -5.41
CA SER B 215 -10.35 -16.97 -5.76
C SER B 215 -10.59 -15.82 -6.73
N LEU B 216 -9.74 -14.78 -6.70
CA LEU B 216 -9.87 -13.70 -7.67
C LEU B 216 -9.50 -14.17 -9.06
N ASP B 217 -8.49 -15.04 -9.17
CA ASP B 217 -8.18 -15.66 -10.45
C ASP B 217 -9.35 -16.54 -10.92
N ARG B 218 -9.98 -17.26 -10.00
CA ARG B 218 -11.14 -18.05 -10.36
C ARG B 218 -12.30 -17.16 -10.79
N LEU B 219 -12.53 -16.06 -10.06
CA LEU B 219 -13.53 -15.09 -10.48
C LEU B 219 -13.17 -14.44 -11.81
N GLU B 220 -11.87 -14.27 -12.06
CA GLU B 220 -11.46 -13.60 -13.29
C GLU B 220 -11.80 -14.42 -14.53
N LYS B 221 -11.63 -15.74 -14.48
CA LYS B 221 -11.97 -16.57 -15.61
C LYS B 221 -13.47 -16.78 -15.72
N ILE B 222 -14.22 -16.52 -14.64
CA ILE B 222 -15.68 -16.58 -14.72
C ILE B 222 -16.21 -15.39 -15.52
N LEU B 223 -15.78 -14.19 -15.17
CA LEU B 223 -16.31 -12.97 -15.76
C LEU B 223 -15.65 -12.60 -17.09
N THR B 224 -14.78 -13.44 -17.64
CA THR B 224 -14.22 -13.17 -18.96
C THR B 224 -15.32 -13.26 -20.02
N GLY B 225 -15.61 -12.13 -20.65
CA GLY B 225 -16.65 -12.08 -21.67
C GLY B 225 -18.03 -11.87 -21.10
N LYS B 226 -18.34 -12.54 -19.98
CA LYS B 226 -19.61 -12.36 -19.33
C LYS B 226 -19.72 -10.94 -18.75
N ASP B 227 -20.97 -10.49 -18.58
CA ASP B 227 -21.25 -9.19 -17.98
C ASP B 227 -21.78 -9.30 -16.55
N TYR B 228 -22.16 -10.49 -16.10
CA TYR B 228 -22.64 -10.69 -14.74
C TYR B 228 -22.09 -12.01 -14.23
N LEU B 229 -22.11 -12.16 -12.91
CA LEU B 229 -21.53 -13.37 -12.31
C LEU B 229 -22.31 -14.61 -12.70
N VAL B 230 -23.64 -14.50 -12.79
CA VAL B 230 -24.49 -15.67 -12.98
C VAL B 230 -25.63 -15.35 -13.94
N GLY B 231 -25.83 -16.23 -14.94
CA GLY B 231 -27.06 -16.26 -15.70
C GLY B 231 -27.43 -15.01 -16.47
N ASP B 232 -26.48 -14.19 -16.86
CA ASP B 232 -26.86 -13.06 -17.67
C ASP B 232 -27.76 -12.03 -17.06
N GLN B 233 -28.03 -12.14 -15.78
CA GLN B 233 -28.86 -11.16 -15.13
C GLN B 233 -28.19 -10.70 -13.86
N LEU B 234 -28.32 -9.43 -13.57
CA LEU B 234 -27.75 -8.89 -12.35
C LEU B 234 -28.34 -9.64 -11.17
N THR B 235 -27.51 -10.05 -10.25
CA THR B 235 -27.97 -10.74 -9.06
C THR B 235 -27.28 -10.16 -7.82
N GLU B 236 -27.73 -10.64 -6.66
CA GLU B 236 -27.08 -10.24 -5.42
C GLU B 236 -25.62 -10.70 -5.39
N ALA B 237 -25.32 -11.84 -6.02
CA ALA B 237 -23.94 -12.32 -6.07
C ALA B 237 -23.01 -11.27 -6.68
N ASP B 238 -23.49 -10.53 -7.68
CA ASP B 238 -22.72 -9.41 -8.20
C ASP B 238 -22.59 -8.30 -7.17
N ILE B 239 -23.64 -8.09 -6.36
CA ILE B 239 -23.65 -6.97 -5.43
C ILE B 239 -22.73 -7.23 -4.25
N ARG B 240 -22.76 -8.45 -3.69
CA ARG B 240 -21.88 -8.75 -2.57
C ARG B 240 -20.41 -8.75 -2.99
N LEU B 241 -20.13 -9.07 -4.25
CA LEU B 241 -18.77 -8.98 -4.76
C LEU B 241 -18.40 -7.55 -5.14
N PHE B 242 -19.37 -6.74 -5.55
CA PHE B 242 -19.06 -5.39 -6.03
C PHE B 242 -18.56 -4.49 -4.89
N VAL B 243 -19.21 -4.56 -3.73
CA VAL B 243 -18.89 -3.61 -2.65
C VAL B 243 -17.48 -3.83 -2.12
N THR B 244 -16.95 -5.04 -2.22
CA THR B 244 -15.57 -5.28 -1.82
C THR B 244 -14.59 -4.97 -2.95
N ILE B 245 -14.95 -5.31 -4.19
CA ILE B 245 -14.06 -5.04 -5.32
C ILE B 245 -13.95 -3.54 -5.56
N VAL B 246 -15.03 -2.78 -5.31
CA VAL B 246 -14.97 -1.33 -5.51
C VAL B 246 -14.00 -0.70 -4.51
N ARG B 247 -13.79 -1.33 -3.35
CA ARG B 247 -12.85 -0.85 -2.37
C ARG B 247 -11.52 -1.58 -2.41
N PHE B 248 -11.35 -2.53 -3.34
CA PHE B 248 -10.11 -3.29 -3.40
C PHE B 248 -8.93 -2.39 -3.73
N ASP B 249 -9.00 -1.69 -4.86
CA ASP B 249 -7.90 -0.87 -5.35
C ASP B 249 -7.64 0.38 -4.52
N PRO B 250 -8.66 1.13 -4.07
CA PRO B 250 -8.38 2.30 -3.24
C PRO B 250 -7.88 1.93 -1.86
N VAL B 251 -8.63 1.10 -1.14
CA VAL B 251 -8.32 0.78 0.25
C VAL B 251 -7.58 -0.53 0.41
N TYR B 252 -8.16 -1.62 -0.11
CA TYR B 252 -7.72 -2.96 0.31
C TYR B 252 -6.29 -3.27 -0.12
N VAL B 253 -5.83 -2.66 -1.21
CA VAL B 253 -4.46 -2.92 -1.68
C VAL B 253 -3.45 -2.36 -0.68
N GLY B 254 -3.52 -1.07 -0.40
CA GLY B 254 -2.58 -0.45 0.50
C GLY B 254 -2.84 -0.73 1.96
N HIS B 255 -4.08 -0.48 2.41
CA HIS B 255 -4.37 -0.54 3.84
C HIS B 255 -4.44 -1.98 4.35
N PHE B 256 -4.99 -2.89 3.56
CA PHE B 256 -5.12 -4.29 3.95
C PHE B 256 -4.04 -5.17 3.34
N LYS B 257 -3.00 -4.57 2.76
CA LYS B 257 -1.86 -5.29 2.19
C LYS B 257 -2.30 -6.41 1.23
N CYS B 258 -3.39 -6.18 0.51
CA CYS B 258 -3.85 -7.10 -0.53
C CYS B 258 -3.28 -6.67 -1.89
N ASN B 259 -1.95 -6.67 -1.97
CA ASN B 259 -1.23 -6.01 -3.05
C ASN B 259 -0.50 -6.97 -3.98
N ILE B 260 -0.91 -8.23 -4.03
CA ILE B 260 -0.27 -9.16 -4.93
C ILE B 260 -0.49 -8.56 -6.30
N ARG B 261 -1.65 -7.98 -6.51
CA ARG B 261 -1.94 -7.33 -7.75
C ARG B 261 -3.22 -6.56 -7.61
N THR B 262 -3.40 -5.59 -8.47
CA THR B 262 -4.55 -4.75 -8.43
C THR B 262 -5.62 -5.20 -9.37
N ILE B 263 -6.83 -4.83 -9.05
CA ILE B 263 -7.97 -5.15 -9.90
C ILE B 263 -7.92 -4.29 -11.16
N ARG B 264 -7.38 -3.08 -11.04
CA ARG B 264 -7.21 -2.20 -12.18
C ARG B 264 -6.40 -2.86 -13.29
N ASP B 265 -5.17 -3.28 -12.97
CA ASP B 265 -4.22 -3.73 -13.97
C ASP B 265 -3.92 -5.22 -13.92
N GLY B 266 -4.34 -5.92 -12.88
CA GLY B 266 -4.10 -7.35 -12.78
C GLY B 266 -5.30 -8.17 -13.21
N TYR B 267 -6.50 -7.64 -13.00
CA TYR B 267 -7.75 -8.34 -13.30
C TYR B 267 -8.57 -7.47 -14.24
N PRO B 268 -8.28 -7.51 -15.55
CA PRO B 268 -8.94 -6.57 -16.47
C PRO B 268 -10.42 -6.84 -16.66
N ALA B 269 -10.86 -8.11 -16.67
CA ALA B 269 -12.28 -8.40 -16.85
C ALA B 269 -13.06 -8.17 -15.56
N ILE B 270 -12.46 -8.49 -14.41
CA ILE B 270 -13.08 -8.13 -13.14
C ILE B 270 -13.21 -6.63 -13.03
N ASP B 271 -12.17 -5.90 -13.43
CA ASP B 271 -12.23 -4.44 -13.44
C ASP B 271 -13.39 -3.95 -14.31
N LEU B 272 -13.44 -4.40 -15.56
CA LEU B 272 -14.46 -3.92 -16.49
C LEU B 272 -15.87 -4.30 -16.03
N TRP B 273 -16.03 -5.51 -15.49
CA TRP B 273 -17.31 -5.91 -14.91
C TRP B 273 -17.76 -4.93 -13.84
N MET B 274 -16.82 -4.45 -13.02
CA MET B 274 -17.18 -3.55 -11.94
C MET B 274 -17.59 -2.17 -12.46
N ARG B 275 -16.88 -1.66 -13.48
CA ARG B 275 -17.15 -0.30 -13.93
C ARG B 275 -18.45 -0.18 -14.71
N LYS B 276 -18.93 -1.25 -15.33
CA LYS B 276 -20.23 -1.17 -16.00
C LYS B 276 -21.39 -1.34 -15.04
N LEU B 277 -21.15 -1.95 -13.87
CA LEU B 277 -22.13 -1.84 -12.80
C LEU B 277 -22.12 -0.44 -12.20
N TYR B 278 -20.97 0.22 -12.23
CA TYR B 278 -20.82 1.53 -11.62
C TYR B 278 -21.39 2.63 -12.53
N TRP B 279 -20.88 2.74 -13.76
CA TRP B 279 -21.24 3.86 -14.61
C TRP B 279 -22.56 3.66 -15.35
N ASN B 280 -23.08 2.44 -15.42
CA ASN B 280 -24.31 2.17 -16.16
C ASN B 280 -25.49 1.81 -15.27
N ASN B 281 -25.29 1.74 -13.95
CA ASN B 281 -26.38 1.49 -13.00
C ASN B 281 -26.28 2.53 -11.90
N SER B 282 -27.36 3.30 -11.72
CA SER B 282 -27.34 4.40 -10.76
C SER B 282 -27.22 3.90 -9.32
N ALA B 283 -27.70 2.69 -9.04
CA ALA B 283 -27.68 2.18 -7.67
C ALA B 283 -26.28 1.86 -7.17
N PHE B 284 -25.28 1.85 -8.05
CA PHE B 284 -23.90 1.62 -7.64
C PHE B 284 -23.07 2.91 -7.59
N SER B 285 -23.40 3.90 -8.43
CA SER B 285 -22.65 5.15 -8.42
C SER B 285 -23.12 6.03 -7.25
N SER B 286 -24.44 6.21 -7.11
CA SER B 286 -24.98 7.05 -6.04
C SER B 286 -24.74 6.44 -4.66
N THR B 287 -24.47 5.13 -4.60
CA THR B 287 -24.19 4.44 -3.36
C THR B 287 -22.70 4.33 -3.05
N CYS B 288 -21.86 5.03 -3.82
CA CYS B 288 -20.41 4.89 -3.71
C CYS B 288 -19.81 6.26 -3.42
N ASN B 289 -19.39 6.47 -2.17
CA ASN B 289 -18.70 7.70 -1.77
C ASN B 289 -17.27 7.31 -1.38
N PHE B 290 -16.33 7.56 -2.28
CA PHE B 290 -14.95 7.18 -2.05
C PHE B 290 -14.35 7.92 -0.86
N GLU B 291 -14.80 9.17 -0.62
CA GLU B 291 -14.33 9.92 0.54
C GLU B 291 -14.60 9.16 1.83
N HIS B 292 -15.86 8.73 2.04
CA HIS B 292 -16.18 7.95 3.22
C HIS B 292 -15.39 6.64 3.27
N ILE B 293 -15.22 5.99 2.12
CA ILE B 293 -14.51 4.71 2.08
C ILE B 293 -13.07 4.88 2.56
N LYS B 294 -12.30 5.72 1.88
CA LYS B 294 -10.88 5.86 2.18
C LYS B 294 -10.65 6.54 3.53
N THR B 295 -11.53 7.47 3.91
CA THR B 295 -11.35 8.13 5.20
C THR B 295 -11.59 7.17 6.35
N HIS B 296 -12.57 6.27 6.22
CA HIS B 296 -12.85 5.35 7.33
C HIS B 296 -11.69 4.40 7.58
N TYR B 297 -11.33 3.61 6.57
CA TYR B 297 -10.33 2.55 6.78
C TYR B 297 -9.00 3.13 7.25
N TYR B 298 -8.56 4.24 6.67
CA TYR B 298 -7.25 4.77 7.02
C TYR B 298 -7.26 5.54 8.33
N TRP B 299 -8.39 6.15 8.68
CA TRP B 299 -8.47 6.93 9.92
C TRP B 299 -8.83 6.12 11.16
N SER B 300 -9.85 5.27 11.06
CA SER B 300 -10.31 4.46 12.19
C SER B 300 -9.56 3.16 12.57
N HIS B 301 -8.37 2.91 12.01
CA HIS B 301 -7.57 1.74 12.37
C HIS B 301 -6.17 2.22 12.76
N PRO B 302 -5.99 2.62 14.02
CA PRO B 302 -4.67 3.12 14.44
C PRO B 302 -3.61 2.04 14.52
N GLN B 303 -3.99 0.78 14.69
CA GLN B 303 -3.00 -0.30 14.77
C GLN B 303 -2.62 -0.86 13.40
N ILE B 304 -3.17 -0.30 12.31
CA ILE B 304 -2.69 -0.57 10.98
C ILE B 304 -2.05 0.65 10.34
N ASN B 305 -2.54 1.85 10.65
CA ASN B 305 -1.95 3.11 10.19
C ASN B 305 -2.00 4.08 11.36
N PRO B 306 -0.94 4.16 12.16
CA PRO B 306 -1.03 4.90 13.43
C PRO B 306 -1.29 6.38 13.26
N HIS B 307 -0.78 7.02 12.21
CA HIS B 307 -0.92 8.46 12.05
C HIS B 307 -2.16 8.83 11.24
N ARG B 308 -3.05 7.87 10.97
CA ARG B 308 -4.37 8.15 10.40
C ARG B 308 -4.27 8.94 9.10
N VAL B 309 -3.19 8.76 8.36
CA VAL B 309 -2.97 9.47 7.10
C VAL B 309 -3.64 8.69 5.99
N VAL B 310 -4.51 9.35 5.23
CA VAL B 310 -5.21 8.74 4.12
C VAL B 310 -4.42 9.06 2.85
N PRO B 311 -3.95 8.06 2.11
CA PRO B 311 -3.16 8.36 0.90
C PRO B 311 -4.01 9.10 -0.12
N VAL B 312 -3.32 9.84 -0.99
CA VAL B 312 -3.96 10.36 -2.18
C VAL B 312 -4.54 9.23 -3.00
N GLY B 313 -4.04 8.01 -2.81
CA GLY B 313 -4.65 6.81 -3.32
C GLY B 313 -4.45 6.66 -4.81
N PRO B 314 -4.94 5.56 -5.37
CA PRO B 314 -4.89 5.38 -6.83
C PRO B 314 -5.79 6.40 -7.52
N ILE B 315 -5.22 7.12 -8.47
CA ILE B 315 -5.95 8.11 -9.24
C ILE B 315 -6.15 7.60 -10.66
N PRO B 316 -7.40 7.52 -11.11
CA PRO B 316 -8.60 7.92 -10.35
C PRO B 316 -9.13 6.83 -9.43
N ASN B 317 -10.15 7.15 -8.64
CA ASN B 317 -10.79 6.15 -7.79
C ASN B 317 -11.30 4.98 -8.62
N ILE B 318 -11.88 5.26 -9.79
CA ILE B 318 -12.36 4.23 -10.70
C ILE B 318 -12.32 4.77 -12.12
N LEU B 319 -11.87 3.94 -13.04
CA LEU B 319 -11.72 4.34 -14.44
C LEU B 319 -13.07 4.41 -15.14
N PRO B 320 -13.16 5.17 -16.25
CA PRO B 320 -14.40 5.26 -17.03
C PRO B 320 -14.84 3.91 -17.60
#